data_8ROM
#
_entry.id   8ROM
#
_cell.length_a   63.959
_cell.length_b   69.731
_cell.length_c   105.330
_cell.angle_alpha   90.000
_cell.angle_beta   90.000
_cell.angle_gamma   90.000
#
_symmetry.space_group_name_H-M   'I 2 2 2'
#
loop_
_entity.id
_entity.type
_entity.pdbx_description
1 polymer 'FAD synthase'
2 non-polymer 'FLAVIN-ADENINE DINUCLEOTIDE'
3 non-polymer 'PHOSPHATE ION'
4 water water
#
_entity_poly.entity_id   1
_entity_poly.type   'polypeptide(L)'
_entity_poly.pdbx_seq_one_letter_code
;GSHMPNAVEQASEAVYKLAESGSSLGKKVAGALQTIETSLAQYSLTQLCVGFNGGKDCTALLHLFHAAVQRKLPDVPNPL
QILYIRSISPFPELEQFLQDTIKRYNLQMLEAEGSMKQALGELQARHPQLEAVLMGTRRTDPYSCSLCPFSPTDPGWPAF
MRINPLLDWTYRDIWDFLRQLFVPYCILYDRGYTSLGSRENT
;
_entity_poly.pdbx_strand_id   A
#
loop_
_chem_comp.id
_chem_comp.type
_chem_comp.name
_chem_comp.formula
FAD non-polymer 'FLAVIN-ADENINE DINUCLEOTIDE' 'C27 H33 N9 O15 P2'
PO4 non-polymer 'PHOSPHATE ION' 'O4 P -3'
#
# COMPACT_ATOMS: atom_id res chain seq x y z
N PRO A 5 19.11 13.21 -5.73
CA PRO A 5 18.32 12.10 -5.15
C PRO A 5 16.85 12.15 -5.50
N ASN A 6 16.15 11.02 -5.32
CA ASN A 6 14.70 10.94 -5.48
C ASN A 6 14.15 10.23 -4.24
N ALA A 7 12.83 10.33 -4.05
CA ALA A 7 12.22 9.77 -2.85
C ALA A 7 12.33 8.25 -2.82
N VAL A 8 12.24 7.59 -3.99
CA VAL A 8 12.30 6.14 -4.03
C VAL A 8 13.68 5.64 -3.66
N GLU A 9 14.72 6.21 -4.29
CA GLU A 9 16.10 5.82 -3.98
C GLU A 9 16.43 6.04 -2.52
N GLN A 10 15.82 7.06 -1.91
CA GLN A 10 16.13 7.50 -0.55
C GLN A 10 15.14 7.00 0.49
N ALA A 11 14.16 6.19 0.07
CA ALA A 11 13.12 5.77 0.99
C ALA A 11 13.70 5.08 2.21
N SER A 12 14.45 3.99 2.01
CA SER A 12 14.89 3.20 3.14
C SER A 12 15.63 4.05 4.16
N GLU A 13 16.51 4.95 3.72
CA GLU A 13 17.19 5.80 4.69
C GLU A 13 16.22 6.75 5.39
N ALA A 14 15.46 7.53 4.60
CA ALA A 14 14.66 8.61 5.15
C ALA A 14 13.46 8.08 5.93
N VAL A 15 12.86 7.00 5.45
CA VAL A 15 11.71 6.44 6.17
C VAL A 15 12.13 5.91 7.53
N TYR A 16 13.25 5.19 7.60
CA TYR A 16 13.67 4.63 8.89
C TYR A 16 14.23 5.71 9.81
N LYS A 17 14.79 6.79 9.25
CA LYS A 17 15.21 7.91 10.09
C LYS A 17 14.01 8.55 10.79
N LEU A 18 12.89 8.70 10.08
CA LEU A 18 11.67 9.20 10.71
C LEU A 18 11.16 8.23 11.78
N ALA A 19 11.18 6.92 11.47
CA ALA A 19 10.67 5.96 12.44
C ALA A 19 11.53 5.93 13.70
N GLU A 20 12.79 6.32 13.62
CA GLU A 20 13.70 6.32 14.75
C GLU A 20 13.78 7.68 15.43
N SER A 21 12.97 8.66 14.98
CA SER A 21 13.07 10.04 15.43
C SER A 21 12.37 10.32 16.75
N GLY A 22 11.37 9.53 17.11
CA GLY A 22 10.65 9.76 18.35
C GLY A 22 9.50 10.74 18.26
N SER A 23 9.31 11.40 17.12
CA SER A 23 8.13 12.23 16.94
C SER A 23 6.85 11.39 16.98
N SER A 24 5.72 12.07 17.10
CA SER A 24 4.44 11.37 17.07
C SER A 24 4.30 10.61 15.76
N LEU A 25 4.59 11.27 14.64
CA LEU A 25 4.53 10.60 13.35
C LEU A 25 5.56 9.47 13.25
N GLY A 26 6.76 9.70 13.80
CA GLY A 26 7.75 8.63 13.84
C GLY A 26 7.23 7.36 14.45
N LYS A 27 6.48 7.47 15.54
CA LYS A 27 5.94 6.28 16.21
C LYS A 27 4.92 5.58 15.33
N LYS A 28 4.11 6.35 14.59
CA LYS A 28 3.18 5.71 13.66
C LYS A 28 3.94 4.96 12.57
N VAL A 29 5.01 5.57 12.05
CA VAL A 29 5.80 4.93 10.99
C VAL A 29 6.48 3.67 11.49
N ALA A 30 7.07 3.74 12.69
CA ALA A 30 7.70 2.56 13.27
C ALA A 30 6.70 1.43 13.41
N GLY A 31 5.48 1.75 13.86
CA GLY A 31 4.46 0.71 13.98
C GLY A 31 4.08 0.10 12.66
N ALA A 32 3.89 0.95 11.63
CA ALA A 32 3.62 0.44 10.29
C ALA A 32 4.77 -0.44 9.79
N LEU A 33 6.01 0.00 10.00
CA LEU A 33 7.17 -0.74 9.52
C LEU A 33 7.31 -2.07 10.24
N GLN A 34 6.99 -2.12 11.53
CA GLN A 34 7.00 -3.42 12.22
C GLN A 34 6.01 -4.40 11.59
N THR A 35 4.78 -3.95 11.28
CA THR A 35 3.83 -4.82 10.60
C THR A 35 4.37 -5.28 9.24
N ILE A 36 4.96 -4.37 8.46
CA ILE A 36 5.46 -4.74 7.14
C ILE A 36 6.66 -5.67 7.24
N GLU A 37 7.58 -5.41 8.15
CA GLU A 37 8.71 -6.31 8.32
C GLU A 37 8.24 -7.70 8.69
N THR A 38 7.25 -7.78 9.57
CA THR A 38 6.66 -9.08 9.92
C THR A 38 6.07 -9.74 8.69
N SER A 39 5.41 -8.97 7.85
CA SER A 39 4.89 -9.45 6.58
C SER A 39 5.99 -10.06 5.71
N LEU A 40 7.18 -9.45 5.72
CA LEU A 40 8.24 -9.95 4.87
C LEU A 40 8.85 -11.24 5.43
N ALA A 41 8.71 -11.48 6.72
CA ALA A 41 9.16 -12.74 7.30
C ALA A 41 8.16 -13.85 6.99
N GLN A 42 6.88 -13.51 6.82
CA GLN A 42 5.83 -14.49 6.60
C GLN A 42 5.61 -14.83 5.12
N TYR A 43 5.83 -13.87 4.23
CA TYR A 43 5.45 -14.00 2.83
C TYR A 43 6.60 -13.57 1.92
N SER A 44 6.87 -14.37 0.89
CA SER A 44 7.81 -13.96 -0.14
C SER A 44 7.26 -12.76 -0.93
N LEU A 45 8.13 -12.15 -1.70
CA LEU A 45 7.65 -11.07 -2.56
C LEU A 45 6.79 -11.56 -3.72
N THR A 46 6.74 -12.87 -4.00
CA THR A 46 5.74 -13.35 -4.96
C THR A 46 4.40 -13.61 -4.28
N GLN A 47 4.39 -13.77 -2.94
CA GLN A 47 3.18 -14.07 -2.22
C GLN A 47 2.46 -12.82 -1.73
N LEU A 48 3.11 -11.64 -1.81
CA LEU A 48 2.71 -10.42 -1.14
C LEU A 48 2.53 -9.35 -2.20
N CYS A 49 1.53 -8.51 -2.01
CA CYS A 49 1.38 -7.33 -2.85
C CYS A 49 0.77 -6.20 -2.03
N VAL A 50 0.73 -5.01 -2.64
CA VAL A 50 0.03 -3.86 -2.09
C VAL A 50 -1.24 -3.63 -2.89
N GLY A 51 -2.35 -3.59 -2.20
CA GLY A 51 -3.60 -3.10 -2.77
C GLY A 51 -3.52 -1.63 -3.09
N PHE A 52 -3.46 -1.31 -4.38
CA PHE A 52 -3.14 0.04 -4.82
C PHE A 52 -4.23 0.56 -5.71
N ASN A 53 -4.86 1.67 -5.30
CA ASN A 53 -5.88 2.32 -6.11
C ASN A 53 -5.55 3.75 -6.46
N GLY A 54 -4.31 4.21 -6.22
CA GLY A 54 -3.90 5.55 -6.54
C GLY A 54 -4.14 6.57 -5.47
N GLY A 55 -4.85 6.17 -4.38
CA GLY A 55 -5.15 7.09 -3.29
C GLY A 55 -3.97 7.33 -2.37
N LYS A 56 -4.14 8.34 -1.52
CA LYS A 56 -3.08 8.76 -0.61
C LYS A 56 -2.72 7.69 0.41
N ASP A 57 -3.70 6.93 0.89
CA ASP A 57 -3.42 5.88 1.87
C ASP A 57 -2.52 4.81 1.28
N CYS A 58 -2.83 4.34 0.07
CA CYS A 58 -2.00 3.28 -0.46
C CYS A 58 -0.69 3.86 -1.03
N THR A 59 -0.65 5.15 -1.36
CA THR A 59 0.60 5.80 -1.73
C THR A 59 1.58 5.81 -0.58
N ALA A 60 1.11 6.15 0.61
CA ALA A 60 1.94 6.08 1.80
C ALA A 60 2.38 4.67 2.05
N LEU A 61 1.45 3.74 1.95
CA LEU A 61 1.73 2.32 2.20
C LEU A 61 2.77 1.80 1.22
N LEU A 62 2.62 2.13 -0.07
CA LEU A 62 3.60 1.63 -1.03
C LEU A 62 4.98 2.13 -0.69
N HIS A 63 5.11 3.40 -0.30
CA HIS A 63 6.42 3.94 0.04
C HIS A 63 7.03 3.19 1.23
N LEU A 64 6.21 2.91 2.25
CA LEU A 64 6.65 2.15 3.42
C LEU A 64 7.11 0.75 3.03
N PHE A 65 6.36 0.10 2.15
CA PHE A 65 6.67 -1.25 1.71
C PHE A 65 8.00 -1.27 0.98
N HIS A 66 8.17 -0.38 0.00
CA HIS A 66 9.44 -0.28 -0.69
C HIS A 66 10.61 -0.03 0.27
N ALA A 67 10.43 0.89 1.23
CA ALA A 67 11.50 1.19 2.14
C ALA A 67 11.88 -0.05 2.95
N ALA A 68 10.89 -0.80 3.42
CA ALA A 68 11.18 -1.98 4.23
C ALA A 68 11.87 -3.06 3.39
N VAL A 69 11.44 -3.22 2.14
CA VAL A 69 12.05 -4.21 1.26
C VAL A 69 13.51 -3.84 1.03
N GLN A 70 13.76 -2.55 0.79
CA GLN A 70 15.15 -2.11 0.59
C GLN A 70 16.00 -2.41 1.81
N ARG A 71 15.44 -2.21 3.00
CA ARG A 71 16.19 -2.46 4.23
C ARG A 71 16.39 -3.95 4.52
N LYS A 72 15.34 -4.76 4.39
CA LYS A 72 15.43 -6.14 4.84
C LYS A 72 15.76 -7.13 3.72
N LEU A 73 15.53 -6.77 2.45
CA LEU A 73 15.75 -7.69 1.34
C LEU A 73 16.34 -7.01 0.12
N PRO A 74 17.45 -6.28 0.28
CA PRO A 74 17.98 -5.51 -0.85
C PRO A 74 18.44 -6.37 -2.03
N ASP A 75 18.91 -7.59 -1.78
CA ASP A 75 19.38 -8.45 -2.85
C ASP A 75 18.28 -9.25 -3.52
N VAL A 76 17.08 -9.32 -2.92
CA VAL A 76 16.02 -10.09 -3.57
C VAL A 76 15.69 -9.45 -4.91
N PRO A 77 15.73 -10.19 -6.02
CA PRO A 77 15.55 -9.58 -7.34
C PRO A 77 14.09 -9.38 -7.69
N ASN A 78 13.19 -10.07 -7.00
CA ASN A 78 11.77 -9.99 -7.31
C ASN A 78 11.28 -8.55 -7.17
N PRO A 79 10.46 -8.08 -8.11
CA PRO A 79 9.89 -6.74 -7.99
C PRO A 79 8.73 -6.70 -7.00
N LEU A 80 8.49 -5.50 -6.49
CA LEU A 80 7.32 -5.25 -5.69
C LEU A 80 6.08 -5.40 -6.56
N GLN A 81 5.07 -6.07 -6.01
CA GLN A 81 3.79 -6.26 -6.69
C GLN A 81 2.73 -5.32 -6.13
N ILE A 82 1.94 -4.74 -7.03
CA ILE A 82 0.68 -4.12 -6.62
C ILE A 82 -0.48 -4.85 -7.25
N LEU A 83 -1.62 -4.80 -6.57
CA LEU A 83 -2.89 -5.32 -7.05
C LEU A 83 -3.80 -4.14 -7.28
N TYR A 84 -4.36 -4.04 -8.49
CA TYR A 84 -5.29 -2.97 -8.79
C TYR A 84 -6.54 -3.53 -9.42
N ILE A 85 -7.69 -3.30 -8.77
CA ILE A 85 -8.98 -3.68 -9.33
C ILE A 85 -9.59 -2.45 -9.98
N ARG A 86 -9.84 -2.54 -11.29
CA ARG A 86 -10.44 -1.45 -12.06
C ARG A 86 -11.95 -1.65 -12.04
N SER A 87 -12.65 -0.75 -11.34
CA SER A 87 -14.09 -0.88 -11.09
C SER A 87 -14.88 0.31 -11.61
N ILE A 88 -14.23 1.23 -12.34
CA ILE A 88 -14.86 2.46 -12.82
C ILE A 88 -14.17 2.87 -14.11
N SER A 89 -14.88 3.63 -14.93
CA SER A 89 -14.34 4.09 -16.21
C SER A 89 -12.96 4.70 -15.98
N PRO A 90 -12.14 4.87 -17.01
CA PRO A 90 -10.82 5.48 -16.78
C PRO A 90 -10.96 6.93 -16.31
N PHE A 91 -10.18 7.29 -15.28
CA PHE A 91 -10.05 8.68 -14.86
C PHE A 91 -8.65 9.18 -15.19
N PRO A 92 -8.49 10.07 -16.17
CA PRO A 92 -7.15 10.22 -16.77
C PRO A 92 -6.05 10.59 -15.78
N GLU A 93 -6.31 11.50 -14.84
CA GLU A 93 -5.26 11.88 -13.89
C GLU A 93 -4.85 10.70 -13.01
N LEU A 94 -5.81 9.88 -12.61
CA LEU A 94 -5.52 8.73 -11.77
C LEU A 94 -4.76 7.66 -12.53
N GLU A 95 -5.15 7.41 -13.79
CA GLU A 95 -4.43 6.43 -14.58
C GLU A 95 -2.98 6.86 -14.79
N GLN A 96 -2.77 8.15 -15.09
CA GLN A 96 -1.40 8.65 -15.23
C GLN A 96 -0.63 8.43 -13.94
N PHE A 97 -1.23 8.72 -12.79
CA PHE A 97 -0.51 8.50 -11.54
C PHE A 97 -0.15 7.04 -11.36
N LEU A 98 -1.08 6.13 -11.71
CA LEU A 98 -0.77 4.70 -11.58
C LEU A 98 0.42 4.32 -12.44
N GLN A 99 0.38 4.72 -13.71
CA GLN A 99 1.49 4.46 -14.60
C GLN A 99 2.78 5.10 -14.08
N ASP A 100 2.70 6.34 -13.57
CA ASP A 100 3.90 6.98 -13.03
C ASP A 100 4.44 6.15 -11.88
N THR A 101 3.55 5.64 -11.02
CA THR A 101 3.97 4.90 -9.84
C THR A 101 4.64 3.59 -10.24
N ILE A 102 4.02 2.87 -11.17
CA ILE A 102 4.64 1.67 -11.73
C ILE A 102 6.07 1.95 -12.14
N LYS A 103 6.30 3.08 -12.85
CA LYS A 103 7.65 3.36 -13.30
C LYS A 103 8.58 3.71 -12.14
N ARG A 104 8.11 4.55 -11.21
CA ARG A 104 9.00 5.02 -10.14
C ARG A 104 9.49 3.89 -9.27
N TYR A 105 8.64 2.92 -8.98
CA TYR A 105 8.96 1.82 -8.08
C TYR A 105 9.28 0.52 -8.82
N ASN A 106 9.36 0.56 -10.15
CA ASN A 106 9.55 -0.63 -10.97
C ASN A 106 8.63 -1.77 -10.51
N LEU A 107 7.35 -1.51 -10.60
CA LEU A 107 6.35 -2.43 -10.08
C LEU A 107 5.92 -3.49 -11.09
N GLN A 108 5.47 -4.61 -10.57
CA GLN A 108 4.72 -5.62 -11.30
C GLN A 108 3.27 -5.42 -10.89
N MET A 109 2.41 -5.02 -11.83
CA MET A 109 1.03 -4.79 -11.48
C MET A 109 0.18 -5.99 -11.86
N LEU A 110 -0.58 -6.47 -10.91
CA LEU A 110 -1.64 -7.45 -11.12
C LEU A 110 -2.98 -6.72 -11.18
N GLU A 111 -3.65 -6.79 -12.32
CA GLU A 111 -4.82 -5.99 -12.58
C GLU A 111 -5.97 -6.88 -13.03
N ALA A 112 -7.17 -6.55 -12.53
CA ALA A 112 -8.40 -7.15 -13.07
C ALA A 112 -9.52 -6.14 -13.04
N GLU A 113 -10.54 -6.38 -13.85
CA GLU A 113 -11.66 -5.46 -13.99
C GLU A 113 -12.96 -6.09 -13.55
N GLY A 114 -13.84 -5.27 -12.97
CA GLY A 114 -15.18 -5.66 -12.62
C GLY A 114 -15.43 -5.32 -11.18
N SER A 115 -16.44 -5.95 -10.59
CA SER A 115 -16.69 -5.73 -9.18
C SER A 115 -15.55 -6.32 -8.35
N MET A 116 -15.40 -5.79 -7.13
CA MET A 116 -14.27 -6.18 -6.29
C MET A 116 -14.19 -7.69 -6.14
N LYS A 117 -15.33 -8.33 -5.84
CA LYS A 117 -15.29 -9.76 -5.54
C LYS A 117 -15.03 -10.58 -6.79
N GLN A 118 -15.73 -10.26 -7.89
CA GLN A 118 -15.48 -11.02 -9.12
C GLN A 118 -14.06 -10.83 -9.62
N ALA A 119 -13.58 -9.58 -9.60
CA ALA A 119 -12.24 -9.31 -10.10
C ALA A 119 -11.18 -9.92 -9.19
N LEU A 120 -11.39 -9.87 -7.87
CA LEU A 120 -10.43 -10.55 -6.99
C LEU A 120 -10.38 -12.03 -7.27
N GLY A 121 -11.54 -12.63 -7.54
CA GLY A 121 -11.57 -14.03 -7.87
C GLY A 121 -10.79 -14.33 -9.13
N GLU A 122 -10.98 -13.50 -10.17
CA GLU A 122 -10.23 -13.72 -11.40
C GLU A 122 -8.75 -13.61 -11.12
N LEU A 123 -8.39 -12.61 -10.33
CA LEU A 123 -6.98 -12.38 -10.04
C LEU A 123 -6.40 -13.56 -9.26
N GLN A 124 -7.19 -14.13 -8.35
CA GLN A 124 -6.76 -15.32 -7.65
C GLN A 124 -6.49 -16.48 -8.59
N ALA A 125 -7.42 -16.74 -9.51
CA ALA A 125 -7.25 -17.85 -10.44
C ALA A 125 -6.00 -17.68 -11.31
N ARG A 126 -5.70 -16.43 -11.71
CA ARG A 126 -4.53 -16.18 -12.53
C ARG A 126 -3.22 -16.19 -11.75
N HIS A 127 -3.28 -15.87 -10.45
CA HIS A 127 -2.09 -15.76 -9.60
C HIS A 127 -2.32 -16.54 -8.31
N PRO A 128 -2.32 -17.88 -8.42
CA PRO A 128 -2.65 -18.73 -7.26
C PRO A 128 -1.63 -18.65 -6.15
N GLN A 129 -0.41 -18.18 -6.41
CA GLN A 129 0.58 -18.11 -5.33
C GLN A 129 0.39 -16.89 -4.45
N LEU A 130 -0.41 -15.92 -4.88
CA LEU A 130 -0.63 -14.71 -4.11
C LEU A 130 -1.44 -15.05 -2.86
N GLU A 131 -0.87 -14.74 -1.69
CA GLU A 131 -1.52 -15.07 -0.43
C GLU A 131 -1.97 -13.88 0.38
N ALA A 132 -1.34 -12.71 0.24
CA ALA A 132 -1.47 -11.61 1.17
C ALA A 132 -1.44 -10.27 0.46
N VAL A 133 -2.27 -9.35 0.95
CA VAL A 133 -2.50 -8.06 0.32
C VAL A 133 -2.33 -7.00 1.42
N LEU A 134 -1.28 -6.19 1.29
CA LEU A 134 -1.14 -5.04 2.14
C LEU A 134 -2.18 -4.01 1.78
N MET A 135 -2.94 -3.57 2.77
CA MET A 135 -4.05 -2.65 2.59
C MET A 135 -3.80 -1.34 3.31
N GLY A 136 -4.20 -0.24 2.72
CA GLY A 136 -4.08 1.07 3.30
C GLY A 136 -5.18 1.47 4.27
N THR A 137 -6.02 0.52 4.66
CA THR A 137 -7.14 0.78 5.55
C THR A 137 -6.74 1.48 6.83
N ARG A 138 -7.48 2.53 7.17
CA ARG A 138 -7.38 3.17 8.47
C ARG A 138 -8.65 2.96 9.27
N ARG A 139 -8.57 3.25 10.55
CA ARG A 139 -9.72 3.08 11.46
C ARG A 139 -10.67 4.26 11.27
N THR A 140 -11.75 4.05 10.52
CA THR A 140 -12.70 5.14 10.19
C THR A 140 -14.15 4.75 10.39
N ASP A 141 -14.42 3.53 10.82
CA ASP A 141 -15.78 3.09 11.12
C ASP A 141 -15.68 1.91 12.07
N PRO A 142 -16.81 1.42 12.57
CA PRO A 142 -16.72 0.28 13.52
C PRO A 142 -16.09 -0.99 12.93
N TYR A 143 -16.34 -1.28 11.64
CA TYR A 143 -15.76 -2.47 11.06
C TYR A 143 -14.25 -2.38 11.02
N SER A 144 -13.70 -1.24 10.57
CA SER A 144 -12.25 -1.13 10.49
C SER A 144 -11.63 -1.02 11.88
N CYS A 145 -12.35 -0.49 12.86
CA CYS A 145 -11.82 -0.45 14.22
C CYS A 145 -11.68 -1.87 14.74
N SER A 146 -12.45 -2.81 14.20
CA SER A 146 -12.36 -4.19 14.65
C SER A 146 -11.25 -4.99 14.01
N LEU A 147 -10.57 -4.45 13.01
CA LEU A 147 -9.59 -5.26 12.30
C LEU A 147 -8.29 -5.42 13.09
N CYS A 148 -7.68 -6.58 12.95
CA CYS A 148 -6.31 -6.82 13.38
C CYS A 148 -5.32 -6.50 12.27
N PRO A 149 -4.05 -6.35 12.64
CA PRO A 149 -3.03 -6.12 11.61
C PRO A 149 -2.98 -7.22 10.56
N PHE A 150 -3.18 -8.50 10.97
CA PHE A 150 -3.32 -9.63 10.03
C PHE A 150 -4.75 -10.15 10.13
N SER A 151 -5.57 -9.89 9.12
CA SER A 151 -7.02 -10.14 9.18
C SER A 151 -7.36 -10.90 7.91
N PRO A 152 -7.65 -12.19 8.00
CA PRO A 152 -8.14 -12.92 6.83
C PRO A 152 -9.39 -12.29 6.27
N THR A 153 -9.57 -12.38 4.95
CA THR A 153 -10.81 -11.95 4.34
C THR A 153 -12.00 -12.64 4.98
N ASP A 154 -13.15 -11.97 4.88
CA ASP A 154 -14.40 -12.44 5.47
C ASP A 154 -14.97 -13.60 4.65
N PRO A 155 -15.91 -14.35 5.20
CA PRO A 155 -16.53 -15.41 4.39
C PRO A 155 -17.22 -14.82 3.17
N GLY A 156 -17.22 -15.59 2.09
CA GLY A 156 -17.80 -15.11 0.86
C GLY A 156 -16.88 -14.28 -0.01
N TRP A 157 -15.62 -14.06 0.43
CA TRP A 157 -14.61 -13.33 -0.31
C TRP A 157 -13.53 -14.28 -0.80
N PRO A 158 -12.95 -14.03 -1.97
CA PRO A 158 -11.71 -14.73 -2.33
C PRO A 158 -10.71 -14.66 -1.17
N ALA A 159 -10.11 -15.81 -0.87
CA ALA A 159 -9.38 -15.91 0.39
C ALA A 159 -7.98 -15.32 0.26
N PHE A 160 -7.75 -14.25 1.01
CA PHE A 160 -6.48 -13.58 1.15
C PHE A 160 -6.24 -13.23 2.58
N MET A 161 -4.98 -13.02 2.94
CA MET A 161 -4.62 -12.41 4.21
C MET A 161 -4.53 -10.91 3.95
N ARG A 162 -5.39 -10.12 4.61
CA ARG A 162 -5.24 -8.68 4.57
C ARG A 162 -4.24 -8.27 5.62
N ILE A 163 -3.31 -7.41 5.26
CA ILE A 163 -2.32 -6.90 6.20
C ILE A 163 -2.53 -5.40 6.26
N ASN A 164 -2.71 -4.87 7.44
CA ASN A 164 -3.25 -3.51 7.64
C ASN A 164 -2.28 -2.73 8.50
N PRO A 165 -1.20 -2.18 7.92
CA PRO A 165 -0.20 -1.48 8.74
C PRO A 165 -0.60 -0.09 9.19
N LEU A 166 -1.61 0.54 8.59
CA LEU A 166 -1.96 1.93 8.83
C LEU A 166 -3.22 2.13 9.67
N LEU A 167 -3.71 1.08 10.36
CA LEU A 167 -4.97 1.16 11.10
C LEU A 167 -5.06 2.38 12.03
N ASP A 168 -3.95 2.73 12.72
CA ASP A 168 -3.96 3.75 13.74
C ASP A 168 -3.58 5.11 13.18
N TRP A 169 -3.32 5.21 11.88
CA TRP A 169 -2.98 6.50 11.31
C TRP A 169 -4.22 7.37 11.09
N THR A 170 -4.07 8.66 11.34
CA THR A 170 -5.07 9.68 11.03
C THR A 170 -4.91 10.17 9.59
N TYR A 171 -5.92 10.89 9.11
CA TYR A 171 -5.82 11.64 7.85
C TYR A 171 -4.61 12.57 7.86
N ARG A 172 -4.43 13.29 8.96
CA ARG A 172 -3.29 14.20 9.06
C ARG A 172 -1.96 13.46 8.98
N ASP A 173 -1.89 12.29 9.61
CA ASP A 173 -0.67 11.49 9.59
C ASP A 173 -0.26 11.15 8.17
N ILE A 174 -1.23 10.71 7.35
CA ILE A 174 -0.96 10.34 5.96
C ILE A 174 -0.35 11.51 5.21
N TRP A 175 -0.96 12.69 5.31
CA TRP A 175 -0.46 13.86 4.58
C TRP A 175 0.88 14.33 5.14
N ASP A 176 1.05 14.30 6.47
CA ASP A 176 2.34 14.69 7.04
C ASP A 176 3.46 13.80 6.52
N PHE A 177 3.19 12.50 6.46
CA PHE A 177 4.19 11.53 5.98
C PHE A 177 4.57 11.80 4.54
N LEU A 178 3.57 11.93 3.66
CA LEU A 178 3.84 12.17 2.25
C LEU A 178 4.57 13.49 2.05
N ARG A 179 4.18 14.52 2.79
CA ARG A 179 4.83 15.81 2.62
C ARG A 179 6.25 15.80 3.17
N GLN A 180 6.46 15.16 4.32
CA GLN A 180 7.77 15.22 4.93
C GLN A 180 8.78 14.40 4.16
N LEU A 181 8.34 13.36 3.47
CA LEU A 181 9.23 12.55 2.68
C LEU A 181 9.13 12.89 1.19
N PHE A 182 8.45 13.98 0.83
CA PHE A 182 8.37 14.43 -0.56
C PHE A 182 7.95 13.30 -1.51
N VAL A 183 6.91 12.58 -1.12
CA VAL A 183 6.42 11.44 -1.87
C VAL A 183 5.38 11.95 -2.87
N PRO A 184 5.53 11.71 -4.16
CA PRO A 184 4.47 12.14 -5.10
C PRO A 184 3.16 11.45 -4.81
N TYR A 185 2.06 12.19 -4.99
CA TYR A 185 0.71 11.69 -4.82
C TYR A 185 -0.10 12.16 -6.03
N CYS A 186 -1.31 11.58 -6.18
CA CYS A 186 -2.17 11.87 -7.31
C CYS A 186 -2.60 13.33 -7.35
N ILE A 187 -2.45 13.97 -8.54
CA ILE A 187 -2.74 15.40 -8.67
C ILE A 187 -4.19 15.75 -8.33
N LEU A 188 -5.09 14.77 -8.35
CA LEU A 188 -6.48 15.06 -8.01
C LEU A 188 -6.60 15.68 -6.62
N TYR A 189 -5.72 15.30 -5.69
CA TYR A 189 -5.80 15.87 -4.35
C TYR A 189 -5.45 17.36 -4.32
N ASP A 190 -4.84 17.88 -5.37
CA ASP A 190 -4.57 19.31 -5.52
C ASP A 190 -5.69 20.05 -6.24
N ARG A 191 -6.70 19.33 -6.72
CA ARG A 191 -7.76 19.87 -7.56
C ARG A 191 -9.13 19.71 -6.89
N GLY A 192 -9.16 19.69 -5.55
CA GLY A 192 -10.39 19.72 -4.80
C GLY A 192 -10.84 18.39 -4.24
N TYR A 193 -10.12 17.31 -4.53
CA TYR A 193 -10.48 15.99 -4.05
C TYR A 193 -9.89 15.79 -2.66
N THR A 194 -10.72 15.33 -1.72
CA THR A 194 -10.28 14.98 -0.38
C THR A 194 -10.07 13.49 -0.20
N SER A 195 -10.92 12.68 -0.81
CA SER A 195 -10.71 11.25 -0.83
C SER A 195 -10.95 10.71 -2.23
N LEU A 196 -10.29 9.60 -2.53
CA LEU A 196 -10.57 8.81 -3.72
C LEU A 196 -11.18 7.47 -3.33
N GLY A 197 -11.93 7.45 -2.22
CA GLY A 197 -12.57 6.24 -1.76
C GLY A 197 -13.90 5.96 -2.45
N SER A 198 -14.26 4.67 -2.44
CA SER A 198 -15.52 4.17 -2.98
C SER A 198 -16.59 4.04 -1.89
PA FAD B . -10.88 1.93 1.94
O1A FAD B . -11.63 0.97 2.82
O2A FAD B . -10.15 3.07 2.65
O5B FAD B . -9.75 1.12 1.16
C5B FAD B . -8.80 0.36 1.93
C4B FAD B . -7.66 -0.12 1.08
O4B FAD B . -8.16 -1.06 0.12
C3B FAD B . -6.96 0.92 0.21
O3B FAD B . -6.07 1.72 0.99
C2B FAD B . -6.20 0.00 -0.73
O2B FAD B . -5.03 -0.56 -0.11
C1B FAD B . -7.29 -1.05 -1.01
N9A FAD B . -8.07 -0.77 -2.22
C8A FAD B . -9.21 -0.04 -2.35
N7A FAD B . -9.67 0.03 -3.59
C5A FAD B . -8.79 -0.77 -4.30
C6A FAD B . -8.72 -1.13 -5.65
N6A FAD B . -9.58 -0.73 -6.59
N1A FAD B . -7.73 -1.94 -6.03
C2A FAD B . -6.84 -2.35 -5.12
N3A FAD B . -6.79 -2.10 -3.81
C4A FAD B . -7.80 -1.28 -3.47
N1 FAD B . -14.18 -5.87 2.47
C2 FAD B . -14.86 -6.65 3.37
O2 FAD B . -15.88 -6.27 3.97
N3 FAD B . -14.33 -7.91 3.68
C4 FAD B . -13.24 -8.46 3.11
O4 FAD B . -12.80 -9.58 3.44
C4X FAD B . -12.56 -7.65 2.15
N5 FAD B . -11.44 -8.12 1.59
C5X FAD B . -10.80 -7.32 0.66
C6 FAD B . -9.65 -7.79 0.04
C7 FAD B . -8.96 -7.01 -0.90
C7M FAD B . -7.71 -7.55 -1.53
C8 FAD B . -9.46 -5.75 -1.24
C8M FAD B . -8.75 -4.90 -2.25
C9 FAD B . -10.62 -5.27 -0.64
C9A FAD B . -11.30 -6.05 0.31
N10 FAD B . -12.46 -5.59 0.94
C10 FAD B . -13.12 -6.36 1.88
C1' FAD B . -13.03 -4.27 0.61
C2' FAD B . -12.22 -3.12 1.12
O2' FAD B . -12.23 -3.21 2.54
C3' FAD B . -12.85 -1.81 0.66
O3' FAD B . -14.23 -1.76 1.04
C4' FAD B . -12.77 -1.62 -0.85
O4' FAD B . -11.48 -2.04 -1.28
C5' FAD B . -12.98 -0.18 -1.27
O5' FAD B . -11.98 0.64 -0.63
P FAD B . -12.10 2.22 -0.60
O1P FAD B . -10.95 2.82 -1.41
O2P FAD B . -13.46 2.59 -0.97
O3P FAD B . -11.86 2.57 0.88
H51A FAD B . -9.24 -0.38 2.30
H52A FAD B . -8.47 0.90 2.62
H4B FAD B . -7.02 -0.51 1.65
H3B FAD B . -7.58 1.47 -0.23
HO3A FAD B . -5.31 1.65 0.66
H2B FAD B . -5.96 0.42 -1.53
HO2A FAD B . -4.70 -1.11 -0.63
H1B FAD B . -6.89 -1.91 -1.08
H8A FAD B . -9.59 0.41 -1.64
H61A FAD B . -9.63 0.13 -6.79
H62A FAD B . -10.08 -1.30 -7.01
H2A FAD B . -6.16 -2.91 -5.43
HN3 FAD B . -14.78 -8.38 4.26
H6 FAD B . -9.45 -8.64 0.36
HM71 FAD B . -7.21 -8.01 -0.90
HM72 FAD B . -7.95 -8.14 -2.23
HM73 FAD B . -7.21 -6.85 -1.89
HM81 FAD B . -7.91 -4.64 -1.91
HM82 FAD B . -8.64 -5.39 -3.05
HM83 FAD B . -9.26 -4.14 -2.43
H9 FAD B . -10.58 -4.35 -0.77
H1'1 FAD B . -13.89 -4.21 0.98
H1'2 FAD B . -13.08 -4.20 -0.33
H2' FAD B . -11.33 -3.13 0.79
HO2' FAD B . -12.94 -2.90 2.84
H3' FAD B . -12.42 -1.10 1.11
HO3' FAD B . -14.51 -0.99 0.98
H4' FAD B . -13.44 -2.15 -1.26
HO4' FAD B . -11.43 -1.98 -2.11
H5'1 FAD B . -12.90 -0.11 -2.20
H5'2 FAD B . -13.84 0.10 -1.01
P PO4 C . -8.03 7.70 0.09
O1 PO4 C . -8.13 9.17 -0.38
O2 PO4 C . -8.34 7.73 1.60
O3 PO4 C . -9.12 6.93 -0.64
O4 PO4 C . -6.67 7.00 -0.04
P PO4 D . -1.79 -11.84 -16.14
O1 PO4 D . -2.41 -11.18 -17.36
O2 PO4 D . -1.72 -10.92 -14.95
O3 PO4 D . -0.40 -12.34 -16.53
O4 PO4 D . -2.60 -13.07 -15.81
#